data_8IG6
#
_entry.id   8IG6
#
_cell.length_a   49.701
_cell.length_b   105.990
_cell.length_c   58.256
_cell.angle_alpha   90.000
_cell.angle_beta   108.548
_cell.angle_gamma   90.000
#
_symmetry.space_group_name_H-M   'P 1 21 1'
#
loop_
_entity.id
_entity.type
_entity.pdbx_description
1 polymer ORF1a
2 non-polymer N~2~-[(benzyloxy)carbonyl]-N-{(2S)-1-hydroxy-3-[(3S)-2-oxopyrrolidin-3-yl]propan-2-yl}-L-leucinamide
3 water water
#
_entity_poly.entity_id   1
_entity_poly.type   'polypeptide(L)'
_entity_poly.pdbx_seq_one_letter_code
;SGLVKMSHPSGDVEACMVQVTCGSMTLNGLWLDNTVWCPRHVMCPADQLSDPNYDALLISMTNHSFSVQKHIGAPANLRV
VGHAMQGTLLKLTVDVANPSTPAYTFTTVKPGAAFSVLACYNGRPTGTFTVVMRPNYTIKGSFLCGSCGSVGYTKEGSVI
NFCYMHQMELANGTHTGSAFDGTMYGAFMDKQVHQVQLTDKYCSVNVVAWLYAAILNGCAWFVKPNRTSVVSFNEWALAN
QFTEFVGTQSVDMLAVKTGVAIEQLLYAIQQLYTGFQGKQILGSTMLEDEFTPEDVNMQIMGV
;
_entity_poly.pdbx_strand_id   A,B
#
loop_
_chem_comp.id
_chem_comp.type
_chem_comp.name
_chem_comp.formula
UED non-polymer N~2~-[(benzyloxy)carbonyl]-N-{(2S)-1-hydroxy-3-[(3S)-2-oxopyrrolidin-3-yl]propan-2-yl}-L-leucinamide 'C21 H31 N3 O5'
#
# COMPACT_ATOMS: atom_id res chain seq x y z
N SER A 1 13.31 -9.72 0.75
CA SER A 1 13.63 -8.44 1.39
C SER A 1 12.50 -8.10 2.37
N GLY A 2 12.75 -7.29 3.36
CA GLY A 2 11.60 -6.98 4.17
C GLY A 2 10.78 -5.83 3.60
N LEU A 3 10.97 -5.52 2.31
CA LEU A 3 10.55 -4.24 1.74
C LEU A 3 9.15 -4.34 1.12
N VAL A 4 8.21 -3.58 1.67
CA VAL A 4 6.95 -3.40 0.98
C VAL A 4 6.66 -1.90 0.87
N LYS A 5 5.76 -1.56 -0.05
CA LYS A 5 5.25 -0.19 -0.12
C LYS A 5 4.21 -0.02 0.98
N MET A 6 4.59 0.69 2.03
CA MET A 6 3.79 0.84 3.23
C MET A 6 3.30 2.28 3.27
N SER A 7 2.00 2.48 3.40
CA SER A 7 1.47 3.80 3.68
C SER A 7 1.13 3.96 5.16
N HIS A 8 0.90 5.21 5.55
CA HIS A 8 0.53 5.49 6.92
C HIS A 8 -0.88 4.97 7.18
N PRO A 9 -1.23 4.66 8.43
CA PRO A 9 -2.63 4.36 8.73
C PRO A 9 -3.46 5.60 8.41
N SER A 10 -4.63 5.39 7.79
CA SER A 10 -5.33 6.50 7.17
C SER A 10 -6.45 7.07 8.03
N GLY A 11 -6.72 6.50 9.20
CA GLY A 11 -7.86 6.93 10.00
C GLY A 11 -7.94 8.45 10.18
N ASP A 12 -6.85 9.07 10.62
CA ASP A 12 -6.85 10.52 10.84
C ASP A 12 -7.25 11.29 9.59
N VAL A 13 -6.79 10.85 8.42
CA VAL A 13 -7.16 11.61 7.23
C VAL A 13 -8.58 11.25 6.77
N GLU A 14 -9.02 10.01 7.00
CA GLU A 14 -10.38 9.60 6.64
C GLU A 14 -11.42 10.51 7.29
N ALA A 15 -11.18 10.92 8.54
CA ALA A 15 -12.14 11.77 9.23
C ALA A 15 -12.20 13.19 8.67
N CYS A 16 -11.35 13.53 7.69
CA CYS A 16 -11.32 14.88 7.14
C CYS A 16 -11.82 14.95 5.72
N MET A 17 -12.19 13.83 5.12
CA MET A 17 -12.64 13.81 3.73
C MET A 17 -14.12 14.15 3.66
N VAL A 18 -14.48 14.95 2.65
CA VAL A 18 -15.87 15.29 2.40
C VAL A 18 -16.14 15.21 0.91
N GLN A 19 -17.41 15.31 0.56
CA GLN A 19 -17.85 15.37 -0.83
C GLN A 19 -18.25 16.80 -1.13
N VAL A 20 -17.80 17.30 -2.27
CA VAL A 20 -18.04 18.67 -2.70
C VAL A 20 -18.73 18.62 -4.05
N THR A 21 -19.93 19.17 -4.11
CA THR A 21 -20.73 19.19 -5.33
C THR A 21 -20.99 20.62 -5.75
N CYS A 22 -20.92 20.86 -7.06
CA CYS A 22 -21.18 22.17 -7.64
C CYS A 22 -21.80 21.91 -9.00
N GLY A 23 -23.07 22.27 -9.16
CA GLY A 23 -23.75 21.96 -10.40
C GLY A 23 -23.91 20.46 -10.54
N SER A 24 -23.50 19.91 -11.67
CA SER A 24 -23.53 18.46 -11.89
C SER A 24 -22.13 17.84 -11.86
N MET A 25 -21.18 18.53 -11.23
CA MET A 25 -19.83 18.02 -11.00
C MET A 25 -19.68 17.68 -9.52
N THR A 26 -19.10 16.53 -9.22
CA THR A 26 -18.86 16.15 -7.84
C THR A 26 -17.44 15.63 -7.68
N LEU A 27 -16.82 15.93 -6.54
CA LEU A 27 -15.56 15.27 -6.16
C LEU A 27 -15.33 15.47 -4.67
N ASN A 28 -14.10 15.24 -4.22
CA ASN A 28 -13.77 15.19 -2.81
C ASN A 28 -13.13 16.49 -2.33
N GLY A 29 -13.31 16.76 -1.04
CA GLY A 29 -12.62 17.86 -0.40
C GLY A 29 -11.99 17.42 0.90
N LEU A 30 -11.06 18.25 1.37
CA LEU A 30 -10.36 18.07 2.64
C LEU A 30 -10.86 19.11 3.62
N TRP A 31 -11.49 18.67 4.69
CA TRP A 31 -12.13 19.55 5.66
C TRP A 31 -11.22 19.70 6.88
N LEU A 32 -10.51 20.81 6.98
CA LEU A 32 -9.70 21.12 8.16
C LEU A 32 -10.16 22.42 8.78
N ASP A 33 -10.36 22.41 10.10
CA ASP A 33 -10.90 23.58 10.83
C ASP A 33 -12.19 23.97 10.12
N ASN A 34 -12.37 25.25 9.76
CA ASN A 34 -13.52 25.79 9.06
C ASN A 34 -13.33 25.86 7.55
N THR A 35 -12.27 25.29 7.01
CA THR A 35 -11.96 25.36 5.60
C THR A 35 -12.15 24.02 4.91
N VAL A 36 -12.72 24.05 3.71
CA VAL A 36 -12.78 22.87 2.87
C VAL A 36 -12.03 23.18 1.59
N TRP A 37 -11.00 22.38 1.31
CA TRP A 37 -10.16 22.50 0.14
C TRP A 37 -10.60 21.51 -0.93
N CYS A 38 -10.66 21.96 -2.17
CA CYS A 38 -11.01 21.02 -3.24
C CYS A 38 -10.52 21.60 -4.55
N PRO A 39 -10.37 20.77 -5.59
CA PRO A 39 -9.94 21.28 -6.89
C PRO A 39 -10.96 22.23 -7.48
N ARG A 40 -10.46 23.35 -8.04
CA ARG A 40 -11.35 24.37 -8.59
C ARG A 40 -12.15 23.88 -9.79
N HIS A 41 -11.70 22.84 -10.48
CA HIS A 41 -12.51 22.46 -11.64
C HIS A 41 -13.87 21.84 -11.25
N VAL A 42 -14.24 21.77 -9.96
CA VAL A 42 -15.63 21.48 -9.60
C VAL A 42 -16.58 22.48 -10.22
N MET A 43 -16.11 23.72 -10.40
CA MET A 43 -16.98 24.73 -10.96
C MET A 43 -17.18 24.57 -12.46
N CYS A 44 -16.42 23.69 -13.09
CA CYS A 44 -16.40 23.72 -14.54
C CYS A 44 -17.34 22.68 -15.12
N PRO A 45 -18.28 23.06 -15.97
CA PRO A 45 -19.09 22.05 -16.69
C PRO A 45 -18.18 21.14 -17.52
N ALA A 46 -18.61 19.90 -17.71
CA ALA A 46 -17.73 18.88 -18.26
C ALA A 46 -17.38 19.16 -19.73
N ASP A 47 -18.30 19.76 -20.47
CA ASP A 47 -18.05 20.12 -21.86
C ASP A 47 -17.04 21.27 -22.00
N GLN A 48 -16.65 21.90 -20.90
CA GLN A 48 -15.76 23.06 -20.98
C GLN A 48 -14.45 22.87 -20.22
N LEU A 49 -14.12 21.64 -19.82
CA LEU A 49 -12.85 21.35 -19.15
C LEU A 49 -11.64 21.63 -20.03
N SER A 50 -11.84 21.85 -21.33
CA SER A 50 -10.73 22.03 -22.25
C SER A 50 -10.03 23.37 -22.08
N ASP A 51 -10.79 24.46 -21.93
CA ASP A 51 -10.22 25.79 -21.73
C ASP A 51 -11.08 26.58 -20.76
N PRO A 52 -11.07 26.22 -19.48
CA PRO A 52 -11.97 26.87 -18.52
C PRO A 52 -11.52 28.27 -18.14
N ASN A 53 -12.48 29.18 -18.04
CA ASN A 53 -12.21 30.51 -17.50
C ASN A 53 -12.59 30.47 -16.03
N TYR A 54 -11.65 30.01 -15.21
CA TYR A 54 -11.92 29.86 -13.78
C TYR A 54 -12.17 31.21 -13.10
N ASP A 55 -11.58 32.28 -13.62
CA ASP A 55 -11.89 33.61 -13.10
C ASP A 55 -13.39 33.90 -13.22
N ALA A 56 -13.96 33.59 -14.38
CA ALA A 56 -15.36 33.90 -14.64
C ALA A 56 -16.30 32.92 -13.91
N LEU A 57 -15.98 31.64 -13.93
CA LEU A 57 -16.77 30.67 -13.18
C LEU A 57 -16.86 31.06 -11.71
N LEU A 58 -15.71 31.39 -11.12
CA LEU A 58 -15.70 31.78 -9.71
C LEU A 58 -16.55 33.00 -9.46
N ILE A 59 -16.46 33.98 -10.37
CA ILE A 59 -17.27 35.18 -10.28
C ILE A 59 -18.75 34.82 -10.15
N SER A 60 -19.20 33.87 -10.96
CA SER A 60 -20.61 33.53 -11.04
C SER A 60 -21.09 32.58 -9.96
N MET A 61 -20.21 32.13 -9.08
CA MET A 61 -20.63 31.26 -7.98
C MET A 61 -21.09 32.09 -6.80
N THR A 62 -22.02 31.53 -6.03
CA THR A 62 -22.37 32.02 -4.71
C THR A 62 -22.04 30.94 -3.69
N ASN A 63 -22.07 31.33 -2.40
CA ASN A 63 -21.97 30.35 -1.33
C ASN A 63 -22.93 29.19 -1.54
N HIS A 64 -24.16 29.48 -1.97
CA HIS A 64 -25.14 28.40 -2.17
C HIS A 64 -24.82 27.52 -3.37
N SER A 65 -23.84 27.87 -4.20
CA SER A 65 -23.51 27.03 -5.34
C SER A 65 -22.83 25.72 -4.93
N PHE A 66 -22.25 25.68 -3.74
CA PHE A 66 -21.45 24.56 -3.28
C PHE A 66 -22.23 23.80 -2.23
N SER A 67 -22.31 22.49 -2.39
CA SER A 67 -22.84 21.63 -1.36
C SER A 67 -21.71 20.75 -0.86
N VAL A 68 -21.51 20.75 0.46
CA VAL A 68 -20.46 19.98 1.11
C VAL A 68 -21.11 18.99 2.08
N GLN A 69 -20.80 17.71 1.92
CA GLN A 69 -21.43 16.68 2.74
C GLN A 69 -20.36 15.77 3.32
N LYS A 70 -20.51 15.41 4.59
CA LYS A 70 -19.66 14.42 5.23
C LYS A 70 -20.43 13.11 5.40
N HIS A 71 -19.95 12.04 4.78
CA HIS A 71 -20.59 10.73 4.80
C HIS A 71 -20.00 9.79 5.85
N ILE A 72 -18.72 9.97 6.17
CA ILE A 72 -17.99 9.07 7.08
C ILE A 72 -18.18 9.52 8.52
N GLY A 73 -18.17 8.55 9.45
CA GLY A 73 -18.30 8.89 10.86
C GLY A 73 -19.68 9.44 11.15
N ALA A 74 -19.75 10.58 11.84
CA ALA A 74 -21.01 11.27 12.09
C ALA A 74 -21.42 12.08 10.87
N PRO A 75 -22.43 11.66 10.12
CA PRO A 75 -22.75 12.35 8.86
C PRO A 75 -23.27 13.76 9.10
N ALA A 76 -22.98 14.65 8.15
CA ALA A 76 -23.33 16.06 8.33
C ALA A 76 -23.34 16.78 6.98
N ASN A 77 -24.22 17.77 6.90
CA ASN A 77 -24.30 18.69 5.77
C ASN A 77 -23.85 20.05 6.26
N LEU A 78 -22.74 20.55 5.71
CA LEU A 78 -22.11 21.79 6.17
C LEU A 78 -22.55 22.96 5.32
N ARG A 79 -22.93 24.07 5.95
CA ARG A 79 -23.23 25.29 5.21
C ARG A 79 -21.94 25.99 4.77
N VAL A 80 -21.83 26.29 3.49
CA VAL A 80 -20.74 27.12 2.98
C VAL A 80 -21.08 28.58 3.23
N VAL A 81 -20.19 29.29 3.91
CA VAL A 81 -20.41 30.68 4.26
C VAL A 81 -19.37 31.61 3.64
N GLY A 82 -18.47 31.09 2.81
CA GLY A 82 -17.52 31.89 2.05
C GLY A 82 -16.81 31.02 1.06
N HIS A 83 -16.39 31.57 -0.07
CA HIS A 83 -15.65 30.78 -1.04
C HIS A 83 -14.56 31.63 -1.66
N ALA A 84 -13.40 31.03 -1.85
CA ALA A 84 -12.25 31.71 -2.42
C ALA A 84 -11.49 30.73 -3.28
N MET A 85 -10.72 31.30 -4.20
CA MET A 85 -9.91 30.57 -5.16
C MET A 85 -8.45 30.94 -4.90
N GLN A 86 -7.63 29.93 -4.63
CA GLN A 86 -6.19 30.11 -4.49
C GLN A 86 -5.49 29.16 -5.46
N GLY A 87 -4.90 29.73 -6.51
CA GLY A 87 -4.33 28.92 -7.57
C GLY A 87 -5.35 27.92 -8.08
N THR A 88 -4.95 26.65 -8.13
CA THR A 88 -5.78 25.60 -8.69
C THR A 88 -6.75 25.00 -7.69
N LEU A 89 -6.85 25.57 -6.50
CA LEU A 89 -7.75 25.06 -5.48
C LEU A 89 -8.79 26.10 -5.11
N LEU A 90 -9.93 25.61 -4.65
CA LEU A 90 -10.92 26.41 -3.94
C LEU A 90 -10.74 26.21 -2.45
N LYS A 91 -10.90 27.29 -1.70
CA LYS A 91 -10.97 27.23 -0.25
C LYS A 91 -12.38 27.65 0.14
N LEU A 92 -13.21 26.68 0.52
CA LEU A 92 -14.55 26.96 0.98
C LEU A 92 -14.54 27.14 2.48
N THR A 93 -15.17 28.18 2.97
CA THR A 93 -15.33 28.33 4.40
C THR A 93 -16.69 27.79 4.79
N VAL A 94 -16.72 26.91 5.77
CA VAL A 94 -17.96 26.33 6.26
C VAL A 94 -18.18 26.80 7.68
N ASP A 95 -19.44 26.70 8.13
CA ASP A 95 -19.87 27.34 9.36
C ASP A 95 -19.34 26.66 10.62
N VAL A 96 -18.86 25.42 10.51
CA VAL A 96 -18.51 24.60 11.66
C VAL A 96 -17.11 24.03 11.43
N ALA A 97 -16.29 24.05 12.49
CA ALA A 97 -14.93 23.53 12.40
C ALA A 97 -14.94 22.02 12.56
N ASN A 98 -14.18 21.33 11.70
CA ASN A 98 -14.03 19.89 11.80
C ASN A 98 -13.50 19.51 13.18
N PRO A 99 -14.32 18.88 14.03
CA PRO A 99 -13.84 18.51 15.37
C PRO A 99 -12.80 17.40 15.35
N SER A 100 -12.64 16.70 14.23
CA SER A 100 -11.60 15.69 14.08
C SER A 100 -10.31 16.23 13.46
N THR A 101 -10.19 17.55 13.26
CA THR A 101 -9.01 18.17 12.66
C THR A 101 -7.72 17.74 13.36
N PRO A 102 -6.86 16.98 12.70
CA PRO A 102 -5.59 16.58 13.33
C PRO A 102 -4.65 17.76 13.40
N ALA A 103 -3.52 17.55 14.08
CA ALA A 103 -2.42 18.48 13.95
C ALA A 103 -1.85 18.34 12.55
N TYR A 104 -1.64 19.46 11.87
CA TYR A 104 -1.25 19.36 10.46
C TYR A 104 -0.38 20.53 10.04
N THR A 105 0.34 20.31 8.94
CA THR A 105 0.98 21.37 8.18
C THR A 105 0.73 21.10 6.71
N PHE A 106 1.09 22.07 5.88
CA PHE A 106 1.12 21.91 4.44
C PHE A 106 2.58 21.95 4.00
N THR A 107 2.99 20.99 3.19
CA THR A 107 4.33 21.06 2.60
C THR A 107 4.25 20.67 1.14
N THR A 108 5.38 20.82 0.47
CA THR A 108 5.56 20.30 -0.88
C THR A 108 6.53 19.13 -0.81
N VAL A 109 6.26 18.09 -1.59
CA VAL A 109 7.09 16.88 -1.63
C VAL A 109 8.08 17.02 -2.78
N LYS A 110 9.26 16.48 -2.62
CA LYS A 110 10.26 16.63 -3.66
C LYS A 110 10.42 15.35 -4.46
N PRO A 111 10.95 15.44 -5.67
CA PRO A 111 11.22 14.23 -6.45
C PRO A 111 12.01 13.22 -5.63
N GLY A 112 11.65 11.94 -5.76
CA GLY A 112 12.25 10.89 -4.98
C GLY A 112 11.56 10.62 -3.65
N ALA A 113 10.89 11.61 -3.08
CA ALA A 113 10.26 11.39 -1.77
C ALA A 113 8.92 10.66 -1.89
N ALA A 114 8.63 9.80 -0.92
CA ALA A 114 7.42 9.01 -0.89
C ALA A 114 6.37 9.65 0.02
N PHE A 115 5.10 9.47 -0.34
CA PHE A 115 4.00 9.94 0.48
C PHE A 115 2.82 9.01 0.29
N SER A 116 1.92 9.03 1.27
CA SER A 116 0.72 8.21 1.24
C SER A 116 -0.43 8.94 0.59
N VAL A 117 -1.26 8.21 -0.13
CA VAL A 117 -2.42 8.76 -0.80
C VAL A 117 -3.65 8.04 -0.25
N LEU A 118 -4.67 8.81 0.09
CA LEU A 118 -5.98 8.27 0.42
C LEU A 118 -6.90 8.53 -0.78
N ALA A 119 -7.20 7.48 -1.53
CA ALA A 119 -8.04 7.60 -2.73
C ALA A 119 -9.51 7.59 -2.32
N CYS A 120 -10.27 8.60 -2.76
CA CYS A 120 -11.67 8.72 -2.37
C CYS A 120 -12.57 8.94 -3.57
N TYR A 121 -13.84 8.57 -3.42
CA TYR A 121 -14.86 8.80 -4.44
C TYR A 121 -16.12 9.26 -3.74
N ASN A 122 -16.73 10.36 -4.23
CA ASN A 122 -17.95 10.91 -3.64
C ASN A 122 -17.77 11.22 -2.16
N GLY A 123 -16.54 11.55 -1.76
CA GLY A 123 -16.27 11.80 -0.37
C GLY A 123 -16.10 10.56 0.47
N ARG A 124 -16.08 9.36 -0.12
CA ARG A 124 -15.94 8.16 0.67
C ARG A 124 -14.55 7.58 0.46
N PRO A 125 -13.71 7.46 1.49
CA PRO A 125 -12.40 6.82 1.31
C PRO A 125 -12.57 5.40 0.79
N THR A 126 -11.78 5.05 -0.22
CA THR A 126 -11.87 3.71 -0.78
C THR A 126 -10.56 2.95 -0.88
N GLY A 127 -9.41 3.59 -0.72
CA GLY A 127 -8.17 2.85 -0.76
C GLY A 127 -7.01 3.73 -0.39
N THR A 128 -5.90 3.09 -0.02
CA THR A 128 -4.71 3.86 0.28
C THR A 128 -3.50 3.16 -0.32
N PHE A 129 -2.58 3.96 -0.83
CA PHE A 129 -1.36 3.45 -1.43
C PHE A 129 -0.29 4.50 -1.27
N THR A 130 0.95 4.12 -1.54
CA THR A 130 2.07 5.02 -1.38
C THR A 130 2.71 5.20 -2.75
N VAL A 131 3.27 6.38 -2.98
CA VAL A 131 3.92 6.71 -4.23
C VAL A 131 5.19 7.51 -3.98
N VAL A 132 6.05 7.54 -4.99
CA VAL A 132 7.20 8.43 -5.03
C VAL A 132 6.90 9.54 -6.02
N MET A 133 7.18 10.78 -5.64
CA MET A 133 7.10 11.88 -6.60
C MET A 133 8.16 11.68 -7.67
N ARG A 134 7.74 11.55 -8.92
CA ARG A 134 8.73 11.33 -9.96
C ARG A 134 9.48 12.62 -10.28
N PRO A 135 10.69 12.50 -10.85
CA PRO A 135 11.42 13.69 -11.28
C PRO A 135 10.70 14.56 -12.29
N ASN A 136 9.75 14.02 -13.05
CA ASN A 136 8.96 14.88 -13.93
C ASN A 136 7.68 15.35 -13.26
N TYR A 137 7.58 15.19 -11.93
CA TYR A 137 6.48 15.72 -11.10
C TYR A 137 5.14 15.08 -11.42
N THR A 138 5.17 13.81 -11.80
CA THR A 138 3.99 12.97 -11.85
C THR A 138 4.13 11.91 -10.78
N ILE A 139 3.02 11.23 -10.50
CA ILE A 139 3.06 10.04 -9.65
C ILE A 139 2.44 8.90 -10.43
N LYS A 140 2.88 7.68 -10.14
CA LYS A 140 2.27 6.49 -10.75
C LYS A 140 1.17 6.01 -9.81
N GLY A 141 0.04 6.70 -9.86
CA GLY A 141 -1.06 6.41 -8.97
C GLY A 141 -2.07 5.45 -9.57
N SER A 142 -3.17 5.30 -8.87
CA SER A 142 -4.32 4.55 -9.38
C SER A 142 -5.54 5.40 -9.06
N PHE A 143 -6.01 6.17 -10.07
CA PHE A 143 -7.11 7.10 -9.93
C PHE A 143 -8.09 6.99 -11.10
N LEU A 144 -9.38 7.06 -10.80
CA LEU A 144 -10.41 7.00 -11.83
C LEU A 144 -11.24 8.28 -11.80
N CYS A 145 -12.17 8.39 -12.75
CA CYS A 145 -13.14 9.47 -12.73
C CYS A 145 -13.76 9.58 -11.34
N GLY A 146 -13.80 10.80 -10.80
CA GLY A 146 -14.37 11.01 -9.49
C GLY A 146 -13.40 11.04 -8.32
N SER A 147 -12.11 10.81 -8.57
CA SER A 147 -11.11 10.73 -7.51
C SER A 147 -10.45 12.07 -7.18
N CYS A 148 -10.73 13.12 -7.96
CA CYS A 148 -10.06 14.38 -7.73
C CYS A 148 -10.41 14.91 -6.34
N GLY A 149 -9.44 15.58 -5.73
CA GLY A 149 -9.56 15.93 -4.34
C GLY A 149 -9.07 14.86 -3.39
N SER A 150 -8.81 13.65 -3.86
CA SER A 150 -8.06 12.70 -3.03
C SER A 150 -6.77 13.38 -2.57
N VAL A 151 -6.25 12.95 -1.45
CA VAL A 151 -5.24 13.73 -0.73
C VAL A 151 -4.01 12.87 -0.47
N GLY A 152 -2.84 13.46 -0.65
CA GLY A 152 -1.58 12.81 -0.32
C GLY A 152 -0.92 13.46 0.88
N TYR A 153 -0.20 12.67 1.67
CA TYR A 153 0.32 13.19 2.92
C TYR A 153 1.45 12.30 3.45
N THR A 154 2.30 12.92 4.27
CA THR A 154 3.21 12.22 5.16
C THR A 154 2.82 12.53 6.61
N LYS A 155 3.41 11.80 7.54
CA LYS A 155 3.10 11.97 8.96
C LYS A 155 4.41 12.02 9.72
N GLU A 156 4.64 13.12 10.45
CA GLU A 156 5.81 13.29 11.31
C GLU A 156 5.30 13.26 12.75
N GLY A 157 5.60 12.17 13.44
CA GLY A 157 5.07 11.93 14.77
C GLY A 157 3.56 11.89 14.78
N SER A 158 2.96 12.92 15.37
CA SER A 158 1.52 13.08 15.41
C SER A 158 1.02 14.14 14.44
N VAL A 159 1.91 14.71 13.62
CA VAL A 159 1.55 15.80 12.71
C VAL A 159 1.41 15.25 11.30
N ILE A 160 0.28 15.53 10.65
CA ILE A 160 0.09 15.14 9.26
C ILE A 160 0.54 16.29 8.34
N ASN A 161 1.44 15.99 7.39
CA ASN A 161 1.90 17.01 6.43
C ASN A 161 1.21 16.73 5.10
N PHE A 162 0.15 17.49 4.83
CA PHE A 162 -0.56 17.37 3.58
C PHE A 162 0.28 17.96 2.45
N CYS A 163 0.44 17.21 1.36
CA CYS A 163 1.32 17.64 0.29
C CYS A 163 0.75 17.48 -1.10
N TYR A 164 -0.44 16.91 -1.26
CA TYR A 164 -0.92 16.60 -2.60
C TYR A 164 -2.43 16.57 -2.61
N MET A 165 -3.05 17.27 -3.55
CA MET A 165 -4.47 17.06 -3.85
C MET A 165 -4.63 16.68 -5.31
N HIS A 166 -5.35 15.59 -5.57
CA HIS A 166 -5.35 15.01 -6.90
C HIS A 166 -6.14 15.85 -7.90
N GLN A 167 -5.63 15.93 -9.16
CA GLN A 167 -6.23 16.76 -10.21
C GLN A 167 -6.42 16.06 -11.54
N MET A 168 -5.47 15.26 -11.99
CA MET A 168 -5.57 14.85 -13.38
C MET A 168 -4.71 13.63 -13.69
N GLU A 169 -5.10 12.93 -14.75
CA GLU A 169 -4.34 11.86 -15.35
C GLU A 169 -3.77 12.34 -16.67
N LEU A 170 -2.49 12.06 -16.91
CA LEU A 170 -1.81 12.42 -18.14
C LEU A 170 -1.91 11.31 -19.18
N ALA A 171 -1.44 11.62 -20.39
CA ALA A 171 -1.64 10.72 -21.53
C ALA A 171 -1.01 9.36 -21.27
N ASN A 172 0.15 9.34 -20.65
CA ASN A 172 0.77 8.08 -20.29
C ASN A 172 0.02 7.55 -19.08
N GLY A 173 0.62 6.70 -18.27
CA GLY A 173 -0.40 6.33 -17.30
C GLY A 173 -0.52 7.19 -16.06
N THR A 174 0.24 8.28 -15.98
CA THR A 174 0.58 8.85 -14.69
C THR A 174 -0.40 9.96 -14.29
N HIS A 175 -0.16 10.54 -13.12
CA HIS A 175 -1.12 11.41 -12.47
C HIS A 175 -0.37 12.58 -11.86
N THR A 176 -1.09 13.69 -11.69
CA THR A 176 -0.50 14.83 -10.99
C THR A 176 -1.60 15.65 -10.34
N GLY A 177 -1.17 16.58 -9.51
CA GLY A 177 -2.06 17.36 -8.69
C GLY A 177 -1.37 18.58 -8.12
N SER A 178 -2.03 19.19 -7.14
CA SER A 178 -1.60 20.47 -6.59
C SER A 178 -1.02 20.30 -5.20
N ALA A 179 -0.14 21.22 -4.85
CA ALA A 179 0.20 21.43 -3.45
C ALA A 179 -0.88 22.30 -2.83
N PHE A 180 -0.89 22.39 -1.52
CA PHE A 180 -1.99 23.15 -0.90
C PHE A 180 -1.77 24.66 -0.91
N ASP A 181 -0.69 25.14 -1.53
CA ASP A 181 -0.64 26.55 -1.88
C ASP A 181 -1.37 26.84 -3.18
N GLY A 182 -1.94 25.83 -3.82
CA GLY A 182 -2.66 26.00 -5.07
C GLY A 182 -1.84 25.80 -6.31
N THR A 183 -0.52 25.69 -6.20
CA THR A 183 0.30 25.49 -7.38
C THR A 183 0.27 24.02 -7.77
N MET A 184 0.14 23.79 -9.07
CA MET A 184 0.33 22.45 -9.62
C MET A 184 1.78 22.02 -9.49
N TYR A 185 1.98 20.73 -9.23
CA TYR A 185 3.32 20.16 -9.31
C TYR A 185 3.80 20.17 -10.76
N GLY A 186 5.04 20.63 -10.96
CA GLY A 186 5.77 20.49 -12.21
C GLY A 186 5.17 21.00 -13.52
N ALA A 187 4.83 22.28 -13.62
CA ALA A 187 4.51 22.93 -14.91
C ALA A 187 3.19 22.49 -15.55
N PHE A 188 2.38 21.64 -14.91
CA PHE A 188 1.11 21.28 -15.52
C PHE A 188 0.06 22.36 -15.26
N MET A 189 -1.01 22.31 -16.04
CA MET A 189 -2.16 23.20 -15.85
C MET A 189 -3.42 22.37 -15.72
N ASP A 190 -4.36 22.86 -14.90
CA ASP A 190 -5.61 22.14 -14.69
C ASP A 190 -6.61 22.48 -15.80
N LYS A 191 -6.22 22.08 -17.01
CA LYS A 191 -7.01 22.23 -18.22
C LYS A 191 -6.99 20.90 -18.95
N GLN A 192 -8.12 20.51 -19.53
CA GLN A 192 -8.15 19.22 -20.20
C GLN A 192 -7.74 19.44 -21.65
N VAL A 193 -6.43 19.53 -21.82
CA VAL A 193 -5.77 19.50 -23.13
C VAL A 193 -4.52 18.66 -22.97
N HIS A 194 -4.04 18.12 -24.07
CA HIS A 194 -2.79 17.36 -24.02
C HIS A 194 -1.62 18.33 -23.82
N GLN A 195 -0.76 18.01 -22.85
CA GLN A 195 0.31 18.90 -22.46
C GLN A 195 1.63 18.16 -22.54
N VAL A 196 2.71 18.93 -22.64
CA VAL A 196 4.06 18.36 -22.72
C VAL A 196 4.39 17.69 -21.38
N GLN A 197 4.69 16.40 -21.43
CA GLN A 197 5.20 15.70 -20.26
C GLN A 197 6.72 15.67 -20.33
N LEU A 198 7.38 16.13 -19.27
CA LEU A 198 8.81 16.04 -19.21
C LEU A 198 9.25 14.58 -19.05
N THR A 199 10.54 14.34 -19.28
CA THR A 199 11.06 12.99 -19.20
C THR A 199 11.27 12.58 -17.75
N ASP A 200 10.84 11.38 -17.41
CA ASP A 200 11.14 10.82 -16.11
C ASP A 200 12.61 10.44 -16.06
N LYS A 201 13.09 10.19 -14.85
CA LYS A 201 14.46 9.77 -14.61
C LYS A 201 14.46 8.85 -13.40
N TYR A 202 15.53 8.06 -13.25
CA TYR A 202 15.70 7.30 -12.02
C TYR A 202 16.07 8.21 -10.86
N CYS A 203 15.57 7.88 -9.68
CA CYS A 203 15.89 8.60 -8.44
C CYS A 203 17.08 7.89 -7.83
N SER A 204 18.26 8.48 -8.03
CA SER A 204 19.50 7.82 -7.68
C SER A 204 19.62 7.58 -6.18
N VAL A 205 19.17 8.53 -5.36
CA VAL A 205 19.22 8.30 -3.93
C VAL A 205 18.40 7.08 -3.55
N ASN A 206 17.28 6.85 -4.25
CA ASN A 206 16.44 5.69 -3.98
C ASN A 206 17.06 4.41 -4.50
N VAL A 207 17.77 4.46 -5.64
CA VAL A 207 18.51 3.29 -6.09
C VAL A 207 19.59 2.96 -5.07
N VAL A 208 20.26 3.98 -4.53
CA VAL A 208 21.28 3.75 -3.52
C VAL A 208 20.69 3.07 -2.30
N ALA A 209 19.55 3.58 -1.84
CA ALA A 209 18.93 2.96 -0.68
C ALA A 209 18.57 1.50 -0.96
N TRP A 210 18.07 1.23 -2.15
CA TRP A 210 17.69 -0.13 -2.53
C TRP A 210 18.91 -1.04 -2.57
N LEU A 211 20.03 -0.55 -3.12
CA LEU A 211 21.25 -1.35 -3.10
C LEU A 211 21.70 -1.63 -1.67
N TYR A 212 21.50 -0.67 -0.76
CA TYR A 212 21.78 -0.93 0.66
C TYR A 212 20.80 -1.95 1.24
N ALA A 213 19.52 -1.91 0.85
CA ALA A 213 18.60 -2.95 1.29
C ALA A 213 19.08 -4.34 0.85
N ALA A 214 19.64 -4.42 -0.35
CA ALA A 214 20.19 -5.68 -0.84
C ALA A 214 21.35 -6.13 0.03
N ILE A 215 22.34 -5.26 0.22
CA ILE A 215 23.47 -5.57 1.09
C ILE A 215 22.99 -6.10 2.43
N LEU A 216 21.98 -5.45 3.01
CA LEU A 216 21.51 -5.84 4.34
C LEU A 216 20.94 -7.25 4.35
N ASN A 217 20.45 -7.72 3.20
CA ASN A 217 19.91 -9.06 3.03
C ASN A 217 20.94 -10.02 2.46
N GLY A 218 22.23 -9.71 2.56
CA GLY A 218 23.27 -10.62 2.11
C GLY A 218 23.46 -10.71 0.61
N CYS A 219 22.91 -9.79 -0.16
CA CYS A 219 23.05 -9.77 -1.61
C CYS A 219 24.00 -8.62 -1.97
N ALA A 220 25.31 -8.93 -1.96
CA ALA A 220 26.34 -7.91 -2.16
C ALA A 220 27.30 -8.26 -3.30
N TRP A 221 26.86 -9.07 -4.27
CA TRP A 221 27.78 -9.46 -5.34
C TRP A 221 28.26 -8.27 -6.15
N PHE A 222 27.48 -7.19 -6.19
CA PHE A 222 27.77 -6.02 -7.03
C PHE A 222 28.75 -5.06 -6.39
N VAL A 223 29.10 -5.23 -5.13
CA VAL A 223 30.00 -4.32 -4.45
C VAL A 223 31.44 -4.63 -4.84
N LYS A 224 32.16 -3.59 -5.25
CA LYS A 224 33.57 -3.66 -5.61
C LYS A 224 34.35 -2.66 -4.77
N PRO A 225 35.68 -2.71 -4.81
CA PRO A 225 36.45 -1.64 -4.15
C PRO A 225 36.30 -0.30 -4.85
N ASN A 226 36.01 -0.30 -6.16
CA ASN A 226 35.94 0.91 -6.94
C ASN A 226 34.96 1.90 -6.35
N ARG A 227 35.29 3.19 -6.51
CA ARG A 227 34.46 4.30 -6.08
C ARG A 227 34.26 5.29 -7.22
N THR A 228 33.12 5.95 -7.19
CA THR A 228 32.84 7.13 -7.99
C THR A 228 32.45 8.24 -7.03
N SER A 229 33.15 9.35 -7.07
CA SER A 229 32.80 10.50 -6.25
C SER A 229 31.39 10.97 -6.59
N VAL A 230 30.76 11.64 -5.63
CA VAL A 230 29.43 12.20 -5.87
C VAL A 230 29.47 13.15 -7.07
N VAL A 231 30.55 13.91 -7.20
CA VAL A 231 30.65 14.89 -8.28
C VAL A 231 30.70 14.19 -9.63
N SER A 232 31.56 13.18 -9.74
CA SER A 232 31.67 12.44 -11.01
C SER A 232 30.39 11.72 -11.36
N PHE A 233 29.75 11.09 -10.35
CA PHE A 233 28.49 10.40 -10.60
C PHE A 233 27.43 11.36 -11.12
N ASN A 234 27.33 12.54 -10.53
CA ASN A 234 26.29 13.49 -10.93
C ASN A 234 26.51 13.96 -12.36
N GLU A 235 27.76 14.21 -12.76
CA GLU A 235 28.01 14.52 -14.16
C GLU A 235 27.57 13.37 -15.05
N TRP A 236 27.89 12.15 -14.64
CA TRP A 236 27.42 10.95 -15.35
C TRP A 236 25.89 10.83 -15.32
N ALA A 237 25.26 11.23 -14.21
CA ALA A 237 23.82 11.04 -14.08
C ALA A 237 23.04 11.89 -15.07
N LEU A 238 23.48 13.14 -15.28
CA LEU A 238 22.81 14.00 -16.24
C LEU A 238 22.86 13.45 -17.65
N ALA A 239 23.83 12.58 -17.94
CA ALA A 239 23.98 11.99 -19.26
C ALA A 239 23.19 10.70 -19.46
N ASN A 240 22.62 10.12 -18.38
CA ASN A 240 22.11 8.76 -18.42
C ASN A 240 20.74 8.61 -17.76
N GLN A 241 19.95 9.68 -17.69
CA GLN A 241 18.56 9.61 -17.23
C GLN A 241 18.47 9.30 -15.73
N PHE A 242 19.41 9.83 -14.93
CA PHE A 242 19.41 9.69 -13.48
C PHE A 242 19.38 11.07 -12.84
N THR A 243 18.67 11.18 -11.72
CA THR A 243 18.80 12.38 -10.91
C THR A 243 20.21 12.47 -10.34
N GLU A 244 20.62 13.69 -10.02
CA GLU A 244 21.84 13.89 -9.29
C GLU A 244 21.66 13.38 -7.86
N PHE A 245 22.70 12.73 -7.33
CA PHE A 245 22.66 12.21 -5.97
C PHE A 245 22.94 13.34 -4.98
N VAL A 246 22.14 13.42 -3.93
CA VAL A 246 22.45 14.28 -2.80
C VAL A 246 22.31 13.45 -1.55
N GLY A 247 23.42 13.27 -0.82
CA GLY A 247 23.39 12.49 0.39
C GLY A 247 22.57 13.13 1.50
N THR A 248 22.10 12.28 2.41
CA THR A 248 21.34 12.69 3.58
C THR A 248 21.80 11.87 4.77
N GLN A 249 21.40 12.30 5.96
CA GLN A 249 21.70 11.54 7.17
C GLN A 249 21.09 10.14 7.10
N SER A 250 19.95 10.01 6.41
CA SER A 250 19.32 8.70 6.30
C SER A 250 20.17 7.73 5.49
N VAL A 251 20.75 8.19 4.38
CA VAL A 251 21.64 7.34 3.59
C VAL A 251 22.91 7.05 4.37
N ASP A 252 23.46 8.06 5.06
CA ASP A 252 24.67 7.86 5.85
C ASP A 252 24.48 6.74 6.86
N MET A 253 23.28 6.65 7.46
CA MET A 253 23.01 5.59 8.42
C MET A 253 23.16 4.22 7.78
N LEU A 254 22.69 4.06 6.54
CA LEU A 254 22.85 2.78 5.87
C LEU A 254 24.32 2.52 5.52
N ALA A 255 25.05 3.55 5.07
CA ALA A 255 26.47 3.37 4.80
C ALA A 255 27.20 2.89 6.05
N VAL A 256 26.82 3.40 7.23
CA VAL A 256 27.52 3.09 8.46
C VAL A 256 27.17 1.69 8.95
N LYS A 257 25.89 1.32 8.91
CA LYS A 257 25.51 -0.02 9.35
C LYS A 257 26.14 -1.09 8.48
N THR A 258 26.22 -0.88 7.17
CA THR A 258 26.78 -1.90 6.30
C THR A 258 28.28 -1.74 6.08
N GLY A 259 28.83 -0.58 6.43
CA GLY A 259 30.24 -0.31 6.18
C GLY A 259 30.61 -0.16 4.72
N VAL A 260 29.63 -0.08 3.83
CA VAL A 260 29.86 0.10 2.40
C VAL A 260 29.64 1.57 2.06
N ALA A 261 30.66 2.19 1.47
CA ALA A 261 30.62 3.63 1.23
C ALA A 261 29.63 3.97 0.11
N ILE A 262 28.96 5.13 0.25
CA ILE A 262 28.08 5.60 -0.81
C ILE A 262 28.79 5.56 -2.15
N GLU A 263 30.07 5.93 -2.16
CA GLU A 263 30.78 6.04 -3.42
C GLU A 263 31.00 4.67 -4.07
N GLN A 264 30.98 3.60 -3.29
CA GLN A 264 31.00 2.26 -3.88
C GLN A 264 29.68 1.96 -4.61
N LEU A 265 28.55 2.34 -4.02
CA LEU A 265 27.29 2.01 -4.67
C LEU A 265 27.06 2.89 -5.90
N LEU A 266 27.65 4.07 -5.93
CA LEU A 266 27.56 4.90 -7.13
C LEU A 266 28.30 4.28 -8.30
N TYR A 267 29.52 3.78 -8.07
CA TYR A 267 30.20 3.01 -9.10
C TYR A 267 29.34 1.83 -9.53
N ALA A 268 28.77 1.11 -8.54
CA ALA A 268 27.94 -0.05 -8.85
C ALA A 268 26.78 0.33 -9.76
N ILE A 269 26.10 1.44 -9.46
CA ILE A 269 24.96 1.85 -10.27
C ILE A 269 25.38 2.05 -11.72
N GLN A 270 26.55 2.65 -11.94
CA GLN A 270 27.01 2.91 -13.29
C GLN A 270 27.19 1.62 -14.08
N GLN A 271 27.78 0.59 -13.45
CA GLN A 271 27.92 -0.68 -14.14
C GLN A 271 26.57 -1.38 -14.30
N LEU A 272 25.77 -1.43 -13.23
CA LEU A 272 24.48 -2.10 -13.28
C LEU A 272 23.56 -1.50 -14.33
N TYR A 273 23.66 -0.20 -14.60
CA TYR A 273 22.79 0.45 -15.57
C TYR A 273 22.98 -0.11 -16.98
N THR A 274 24.21 -0.50 -17.32
CA THR A 274 24.46 -1.10 -18.62
C THR A 274 23.90 -2.51 -18.75
N GLY A 275 23.45 -3.10 -17.65
CA GLY A 275 22.90 -4.44 -17.66
C GLY A 275 23.39 -5.21 -16.45
N PHE A 276 22.57 -6.13 -15.98
CA PHE A 276 22.95 -6.97 -14.86
C PHE A 276 23.72 -8.20 -15.31
N GLN A 277 23.85 -8.41 -16.63
CA GLN A 277 24.54 -9.56 -17.19
C GLN A 277 23.99 -10.86 -16.60
N GLY A 278 22.68 -11.04 -16.77
CA GLY A 278 21.99 -12.20 -16.27
C GLY A 278 21.90 -12.35 -14.76
N LYS A 279 22.52 -11.45 -13.99
CA LYS A 279 22.46 -11.59 -12.55
C LYS A 279 21.17 -10.98 -12.00
N GLN A 280 20.98 -11.11 -10.70
CA GLN A 280 19.77 -10.62 -10.04
C GLN A 280 20.10 -9.95 -8.72
N ILE A 281 19.29 -8.94 -8.38
CA ILE A 281 19.41 -8.21 -7.11
C ILE A 281 18.03 -8.19 -6.48
N LEU A 282 17.88 -8.86 -5.35
CA LEU A 282 16.60 -8.94 -4.63
C LEU A 282 15.43 -9.26 -5.56
N GLY A 283 15.67 -10.10 -6.56
CA GLY A 283 14.62 -10.54 -7.46
C GLY A 283 14.34 -9.64 -8.65
N SER A 284 15.21 -8.71 -8.98
CA SER A 284 15.01 -7.85 -10.14
C SER A 284 16.24 -7.85 -11.03
N THR A 285 16.02 -7.55 -12.31
CA THR A 285 17.11 -7.34 -13.24
C THR A 285 17.22 -5.89 -13.69
N MET A 286 16.30 -5.03 -13.28
CA MET A 286 16.43 -3.60 -13.46
C MET A 286 16.63 -2.93 -12.10
N LEU A 287 17.18 -1.71 -12.11
CA LEU A 287 17.35 -0.98 -10.87
C LEU A 287 16.01 -0.51 -10.34
N GLU A 288 15.84 -0.53 -9.01
CA GLU A 288 14.58 -0.13 -8.37
C GLU A 288 14.76 1.20 -7.64
N ASP A 289 13.88 2.15 -7.95
CA ASP A 289 13.99 3.47 -7.33
C ASP A 289 12.72 3.86 -6.60
N GLU A 290 11.89 2.90 -6.20
CA GLU A 290 10.62 3.21 -5.55
C GLU A 290 10.70 3.21 -4.02
N PHE A 291 11.84 2.83 -3.45
CA PHE A 291 11.99 2.76 -1.99
C PHE A 291 13.01 3.79 -1.54
N THR A 292 12.66 4.57 -0.51
CA THR A 292 13.50 5.65 -0.04
C THR A 292 14.50 5.16 1.01
N PRO A 293 15.56 5.95 1.25
CA PRO A 293 16.44 5.64 2.39
C PRO A 293 15.67 5.46 3.68
N GLU A 294 14.64 6.30 3.89
CA GLU A 294 13.85 6.21 5.10
C GLU A 294 13.08 4.90 5.17
N ASP A 295 12.49 4.46 4.05
CA ASP A 295 11.85 3.14 4.02
C ASP A 295 12.80 2.04 4.46
N VAL A 296 14.02 2.04 3.93
CA VAL A 296 14.97 0.98 4.25
C VAL A 296 15.32 1.02 5.74
N ASN A 297 15.61 2.21 6.24
CA ASN A 297 15.92 2.38 7.65
C ASN A 297 14.79 1.87 8.54
N MET A 298 13.55 2.24 8.22
CA MET A 298 12.45 1.88 9.10
C MET A 298 12.08 0.42 8.94
N GLN A 299 11.90 -0.06 7.71
CA GLN A 299 11.40 -1.42 7.52
C GLN A 299 12.46 -2.48 7.78
N ILE A 300 13.72 -2.19 7.47
CA ILE A 300 14.88 -3.04 7.77
C ILE A 300 15.78 -2.28 8.74
N MET A 301 15.41 -2.20 10.00
CA MET A 301 16.10 -1.28 10.91
C MET A 301 17.61 -1.50 10.98
N SER B 1 0.87 1.96 -15.91
CA SER B 1 -0.06 0.82 -15.89
C SER B 1 -1.33 1.13 -15.11
N GLY B 2 -1.22 2.08 -14.18
CA GLY B 2 -2.34 2.36 -13.30
C GLY B 2 -2.64 1.31 -12.26
N LEU B 3 -1.77 0.29 -12.08
CA LEU B 3 -1.95 -0.74 -11.04
C LEU B 3 -1.02 -0.45 -9.87
N VAL B 4 -1.56 -0.31 -8.67
CA VAL B 4 -0.72 -0.13 -7.50
C VAL B 4 -1.18 -1.09 -6.42
N LYS B 5 -0.28 -1.32 -5.46
CA LYS B 5 -0.60 -2.09 -4.27
C LYS B 5 -1.51 -1.24 -3.41
N MET B 6 -2.80 -1.47 -3.54
CA MET B 6 -3.78 -0.64 -2.88
C MET B 6 -4.37 -1.42 -1.69
N SER B 7 -4.30 -0.82 -0.50
CA SER B 7 -4.89 -1.35 0.71
C SER B 7 -6.22 -0.68 1.03
N HIS B 8 -7.02 -1.34 1.85
CA HIS B 8 -8.25 -0.71 2.31
C HIS B 8 -7.91 0.40 3.31
N PRO B 9 -8.71 1.47 3.33
CA PRO B 9 -8.55 2.47 4.38
C PRO B 9 -8.62 1.76 5.72
N SER B 10 -7.70 2.08 6.62
CA SER B 10 -7.51 1.29 7.82
C SER B 10 -8.22 1.85 9.04
N GLY B 11 -8.92 2.98 8.91
CA GLY B 11 -9.52 3.63 10.06
C GLY B 11 -10.39 2.72 10.91
N ASP B 12 -11.25 1.92 10.26
CA ASP B 12 -12.14 1.05 11.04
C ASP B 12 -11.35 0.08 11.91
N VAL B 13 -10.20 -0.39 11.43
CA VAL B 13 -9.44 -1.38 12.18
C VAL B 13 -8.54 -0.76 13.22
N GLU B 14 -8.00 0.45 12.95
CA GLU B 14 -7.19 1.14 13.94
C GLU B 14 -7.91 1.28 15.27
N ALA B 15 -9.19 1.60 15.25
CA ALA B 15 -9.98 1.75 16.47
C ALA B 15 -10.19 0.44 17.23
N CYS B 16 -9.75 -0.70 16.70
CA CYS B 16 -9.88 -1.99 17.37
C CYS B 16 -8.58 -2.52 17.95
N MET B 17 -7.45 -1.85 17.70
CA MET B 17 -6.17 -2.40 18.07
C MET B 17 -5.86 -2.04 19.52
N VAL B 18 -5.38 -3.03 20.29
CA VAL B 18 -4.98 -2.86 21.67
C VAL B 18 -3.62 -3.49 21.85
N GLN B 19 -3.02 -3.20 23.01
CA GLN B 19 -1.79 -3.86 23.43
C GLN B 19 -2.14 -4.91 24.48
N VAL B 20 -1.54 -6.10 24.35
CA VAL B 20 -1.74 -7.17 25.32
C VAL B 20 -0.39 -7.51 25.93
N THR B 21 -0.33 -7.51 27.26
CA THR B 21 0.90 -7.79 27.99
C THR B 21 0.64 -8.89 28.99
N CYS B 22 1.53 -9.87 29.03
CA CYS B 22 1.39 -11.01 29.94
C CYS B 22 2.79 -11.31 30.46
N GLY B 23 3.05 -10.94 31.71
CA GLY B 23 4.38 -11.14 32.24
C GLY B 23 5.34 -10.14 31.62
N SER B 24 6.41 -10.65 31.02
CA SER B 24 7.37 -9.78 30.33
C SER B 24 7.04 -9.60 28.84
N MET B 25 6.30 -10.52 28.23
CA MET B 25 6.02 -10.45 26.81
C MET B 25 4.88 -9.48 26.52
N THR B 26 5.01 -8.74 25.42
CA THR B 26 4.00 -7.76 25.02
C THR B 26 3.81 -7.79 23.51
N LEU B 27 2.56 -7.66 23.07
CA LEU B 27 2.25 -7.64 21.63
C LEU B 27 0.87 -7.04 21.43
N ASN B 28 0.33 -7.21 20.22
CA ASN B 28 -0.89 -6.54 19.80
C ASN B 28 -2.09 -7.47 19.86
N GLY B 29 -3.25 -6.88 20.11
CA GLY B 29 -4.50 -7.61 20.12
C GLY B 29 -5.57 -6.89 19.32
N LEU B 30 -6.60 -7.65 18.97
CA LEU B 30 -7.76 -7.13 18.24
C LEU B 30 -8.98 -7.17 19.14
N TRP B 31 -9.57 -6.01 19.39
CA TRP B 31 -10.65 -5.86 20.37
C TRP B 31 -11.98 -5.74 19.61
N LEU B 32 -12.78 -6.80 19.65
CA LEU B 32 -14.07 -6.84 18.96
C LEU B 32 -15.14 -7.26 19.95
N ASP B 33 -16.24 -6.51 20.02
CA ASP B 33 -17.32 -6.78 20.99
C ASP B 33 -16.67 -6.95 22.37
N ASN B 34 -16.94 -8.03 23.10
CA ASN B 34 -16.35 -8.23 24.41
C ASN B 34 -15.10 -9.10 24.37
N THR B 35 -14.50 -9.30 23.20
CA THR B 35 -13.39 -10.23 23.03
C THR B 35 -12.14 -9.53 22.49
N VAL B 36 -10.98 -9.90 23.04
CA VAL B 36 -9.68 -9.49 22.53
C VAL B 36 -8.92 -10.74 22.11
N TRP B 37 -8.42 -10.73 20.88
CA TRP B 37 -7.66 -11.83 20.29
C TRP B 37 -6.22 -11.43 20.20
N CYS B 38 -5.32 -12.33 20.55
CA CYS B 38 -3.91 -12.06 20.37
C CYS B 38 -3.19 -13.38 20.24
N PRO B 39 -1.95 -13.39 19.78
CA PRO B 39 -1.21 -14.65 19.68
C PRO B 39 -0.96 -15.25 21.07
N ARG B 40 -1.05 -16.58 21.16
CA ARG B 40 -0.91 -17.24 22.45
C ARG B 40 0.52 -17.23 22.96
N HIS B 41 1.52 -17.00 22.09
CA HIS B 41 2.85 -17.01 22.67
C HIS B 41 3.16 -15.74 23.45
N VAL B 42 2.19 -14.86 23.67
CA VAL B 42 2.38 -13.80 24.64
C VAL B 42 2.49 -14.38 26.04
N MET B 43 1.92 -15.58 26.27
CA MET B 43 2.10 -16.34 27.50
C MET B 43 3.50 -16.89 27.65
N CYS B 44 4.29 -16.89 26.59
CA CYS B 44 5.43 -17.76 26.77
C CYS B 44 6.65 -16.97 27.20
N PRO B 45 7.41 -17.48 28.18
CA PRO B 45 8.67 -16.83 28.57
C PRO B 45 9.64 -16.74 27.41
N ALA B 46 10.33 -15.61 27.32
CA ALA B 46 11.21 -15.35 26.18
C ALA B 46 12.35 -16.37 26.08
N ASP B 47 12.67 -17.07 27.17
CA ASP B 47 13.69 -18.11 27.18
C ASP B 47 13.09 -19.51 27.10
N GLN B 48 11.89 -19.65 26.51
CA GLN B 48 11.28 -20.96 26.38
C GLN B 48 10.53 -21.09 25.05
N LEU B 49 10.89 -20.27 24.05
CA LEU B 49 10.07 -20.14 22.85
C LEU B 49 10.22 -21.30 21.86
N SER B 50 11.28 -22.10 21.94
CA SER B 50 11.41 -23.22 21.02
C SER B 50 10.42 -24.34 21.34
N ASP B 51 10.31 -24.73 22.60
CA ASP B 51 9.45 -25.84 23.00
C ASP B 51 8.56 -25.39 24.14
N PRO B 52 7.60 -24.50 23.86
CA PRO B 52 6.60 -24.16 24.86
C PRO B 52 5.54 -25.23 24.97
N ASN B 53 5.00 -25.36 26.18
CA ASN B 53 3.81 -26.17 26.44
C ASN B 53 2.67 -25.17 26.66
N TYR B 54 1.94 -24.87 25.58
CA TYR B 54 0.90 -23.85 25.66
C TYR B 54 -0.25 -24.29 26.57
N ASP B 55 -0.50 -25.60 26.67
CA ASP B 55 -1.55 -26.06 27.56
C ASP B 55 -1.18 -25.82 29.02
N ALA B 56 0.07 -26.05 29.39
CA ALA B 56 0.51 -25.80 30.76
C ALA B 56 0.57 -24.31 31.05
N LEU B 57 1.07 -23.52 30.09
CA LEU B 57 1.07 -22.06 30.24
C LEU B 57 -0.34 -21.54 30.46
N LEU B 58 -1.29 -22.01 29.66
CA LEU B 58 -2.68 -21.59 29.85
C LEU B 58 -3.15 -21.89 31.27
N ILE B 59 -2.91 -23.11 31.75
CA ILE B 59 -3.40 -23.51 33.06
C ILE B 59 -2.86 -22.56 34.13
N SER B 60 -1.59 -22.18 34.00
CA SER B 60 -0.94 -21.31 34.98
C SER B 60 -1.45 -19.88 34.94
N MET B 61 -2.23 -19.49 33.95
CA MET B 61 -2.73 -18.11 33.90
C MET B 61 -4.04 -17.97 34.66
N THR B 62 -4.30 -16.76 35.12
CA THR B 62 -5.61 -16.33 35.58
C THR B 62 -6.06 -15.15 34.70
N ASN B 63 -7.27 -14.66 34.98
CA ASN B 63 -7.74 -13.43 34.34
C ASN B 63 -6.78 -12.28 34.58
N HIS B 64 -6.13 -12.26 35.74
CA HIS B 64 -5.28 -11.14 36.12
C HIS B 64 -3.86 -11.24 35.57
N SER B 65 -3.51 -12.31 34.84
CA SER B 65 -2.21 -12.35 34.20
C SER B 65 -2.14 -11.50 32.94
N PHE B 66 -3.28 -11.00 32.47
CA PHE B 66 -3.37 -10.33 31.18
C PHE B 66 -3.66 -8.86 31.39
N SER B 67 -2.82 -8.02 30.81
CA SER B 67 -3.01 -6.57 30.83
C SER B 67 -3.33 -6.16 29.40
N VAL B 68 -4.50 -5.55 29.22
CA VAL B 68 -5.00 -5.12 27.91
C VAL B 68 -5.18 -3.62 27.94
N GLN B 69 -4.53 -2.91 27.01
CA GLN B 69 -4.53 -1.45 27.02
C GLN B 69 -4.78 -0.91 25.62
N LYS B 70 -5.63 0.10 25.52
CA LYS B 70 -5.83 0.79 24.26
C LYS B 70 -5.26 2.19 24.39
N HIS B 71 -4.25 2.50 23.57
CA HIS B 71 -3.60 3.81 23.57
C HIS B 71 -4.14 4.75 22.51
N ILE B 72 -4.79 4.22 21.48
CA ILE B 72 -5.29 5.01 20.35
C ILE B 72 -6.65 5.58 20.69
N GLY B 73 -6.95 6.78 20.18
CA GLY B 73 -8.27 7.36 20.40
C GLY B 73 -8.52 7.54 21.88
N ALA B 74 -9.66 7.04 22.36
CA ALA B 74 -10.00 7.07 23.78
C ALA B 74 -9.24 5.99 24.54
N PRO B 75 -8.29 6.35 25.41
CA PRO B 75 -7.47 5.33 26.07
C PRO B 75 -8.22 4.62 27.18
N ALA B 76 -7.85 3.37 27.42
CA ALA B 76 -8.51 2.59 28.46
C ALA B 76 -7.69 1.36 28.81
N ASN B 77 -7.72 0.98 30.08
CA ASN B 77 -7.22 -0.31 30.52
C ASN B 77 -8.44 -1.22 30.67
N LEU B 78 -8.47 -2.29 29.91
CA LEU B 78 -9.67 -3.12 29.85
C LEU B 78 -9.55 -4.27 30.84
N ARG B 79 -10.63 -4.53 31.57
CA ARG B 79 -10.63 -5.57 32.58
C ARG B 79 -10.91 -6.93 31.95
N VAL B 80 -9.95 -7.85 32.06
CA VAL B 80 -10.11 -9.20 31.53
C VAL B 80 -10.93 -10.03 32.52
N VAL B 81 -12.05 -10.58 32.06
CA VAL B 81 -12.95 -11.36 32.92
C VAL B 81 -13.01 -12.83 32.52
N GLY B 82 -12.30 -13.23 31.47
CA GLY B 82 -12.30 -14.61 31.06
C GLY B 82 -11.18 -14.85 30.06
N HIS B 83 -10.66 -16.07 29.97
CA HIS B 83 -9.62 -16.35 29.00
C HIS B 83 -9.74 -17.78 28.51
N ALA B 84 -9.47 -17.97 27.22
CA ALA B 84 -9.57 -19.26 26.56
C ALA B 84 -8.50 -19.31 25.49
N MET B 85 -8.15 -20.53 25.08
CA MET B 85 -7.19 -20.71 24.01
C MET B 85 -7.86 -21.46 22.86
N GLN B 86 -7.72 -20.95 21.65
CA GLN B 86 -8.24 -21.61 20.45
C GLN B 86 -7.11 -21.70 19.45
N GLY B 87 -6.52 -22.88 19.33
CA GLY B 87 -5.40 -23.09 18.43
C GLY B 87 -4.24 -22.23 18.83
N THR B 88 -3.80 -21.35 17.92
CA THR B 88 -2.64 -20.51 18.19
C THR B 88 -3.02 -19.13 18.72
N LEU B 89 -4.28 -18.91 19.03
CA LEU B 89 -4.75 -17.62 19.50
C LEU B 89 -5.33 -17.75 20.91
N LEU B 90 -5.21 -16.68 21.68
CA LEU B 90 -6.01 -16.54 22.89
C LEU B 90 -7.27 -15.76 22.56
N LYS B 91 -8.34 -16.08 23.26
CA LYS B 91 -9.52 -15.21 23.32
C LYS B 91 -9.64 -14.73 24.74
N LEU B 92 -9.48 -13.41 24.92
CA LEU B 92 -9.60 -12.77 26.22
C LEU B 92 -10.96 -12.09 26.22
N THR B 93 -11.82 -12.45 27.17
CA THR B 93 -13.09 -11.77 27.32
C THR B 93 -12.88 -10.58 28.23
N VAL B 94 -13.38 -9.43 27.80
CA VAL B 94 -13.24 -8.20 28.57
C VAL B 94 -14.62 -7.73 28.99
N ASP B 95 -14.64 -6.90 30.03
CA ASP B 95 -15.88 -6.42 30.63
C ASP B 95 -16.58 -5.33 29.83
N VAL B 96 -15.90 -4.72 28.86
CA VAL B 96 -16.45 -3.64 28.06
C VAL B 96 -16.50 -4.08 26.61
N ALA B 97 -17.63 -3.85 25.95
CA ALA B 97 -17.71 -4.07 24.52
C ALA B 97 -17.10 -2.88 23.78
N ASN B 98 -16.29 -3.15 22.74
CA ASN B 98 -15.67 -2.08 21.97
C ASN B 98 -16.76 -1.25 21.32
N PRO B 99 -16.93 0.03 21.70
CA PRO B 99 -17.94 0.86 21.05
C PRO B 99 -17.68 1.07 19.56
N SER B 100 -16.44 0.86 19.10
CA SER B 100 -16.10 1.06 17.70
C SER B 100 -16.09 -0.24 16.89
N THR B 101 -16.66 -1.32 17.41
CA THR B 101 -16.68 -2.57 16.66
C THR B 101 -17.36 -2.39 15.31
N PRO B 102 -16.65 -2.56 14.19
CA PRO B 102 -17.32 -2.48 12.89
C PRO B 102 -18.14 -3.73 12.65
N ALA B 103 -18.96 -3.68 11.59
CA ALA B 103 -19.55 -4.92 11.13
C ALA B 103 -18.43 -5.79 10.62
N TYR B 104 -18.39 -7.05 11.07
CA TYR B 104 -17.24 -7.88 10.74
C TYR B 104 -17.63 -9.35 10.63
N THR B 105 -16.77 -10.09 9.95
CA THR B 105 -16.82 -11.53 9.85
C THR B 105 -15.39 -12.02 9.95
N PHE B 106 -15.25 -13.33 10.13
CA PHE B 106 -13.97 -14.02 10.12
C PHE B 106 -13.96 -14.92 8.92
N THR B 107 -12.81 -15.01 8.27
CA THR B 107 -12.75 -15.79 7.04
C THR B 107 -11.33 -16.23 6.85
N THR B 108 -11.15 -17.25 6.02
CA THR B 108 -9.82 -17.72 5.65
C THR B 108 -9.50 -17.30 4.23
N VAL B 109 -8.24 -16.82 4.00
CA VAL B 109 -7.83 -16.43 2.65
C VAL B 109 -7.16 -17.61 1.97
N LYS B 110 -7.32 -17.66 0.66
CA LYS B 110 -6.75 -18.74 -0.14
C LYS B 110 -5.55 -18.22 -0.93
N PRO B 111 -4.64 -19.10 -1.34
CA PRO B 111 -3.48 -18.67 -2.12
C PRO B 111 -3.92 -17.88 -3.34
N GLY B 112 -3.17 -16.81 -3.66
CA GLY B 112 -3.52 -15.92 -4.75
C GLY B 112 -4.40 -14.75 -4.34
N ALA B 113 -5.17 -14.91 -3.28
CA ALA B 113 -6.00 -13.83 -2.78
C ALA B 113 -5.14 -12.79 -2.05
N ALA B 114 -5.57 -11.54 -2.17
CA ALA B 114 -4.91 -10.39 -1.59
C ALA B 114 -5.68 -9.90 -0.37
N PHE B 115 -4.95 -9.34 0.58
CA PHE B 115 -5.61 -8.71 1.72
C PHE B 115 -4.73 -7.58 2.25
N SER B 116 -5.35 -6.70 3.02
CA SER B 116 -4.68 -5.56 3.64
C SER B 116 -4.19 -5.93 5.02
N VAL B 117 -3.06 -5.35 5.40
CA VAL B 117 -2.45 -5.59 6.71
C VAL B 117 -2.29 -4.25 7.41
N LEU B 118 -2.64 -4.20 8.68
CA LEU B 118 -2.35 -3.09 9.56
C LEU B 118 -1.24 -3.52 10.52
N ALA B 119 -0.03 -3.01 10.30
CA ALA B 119 1.10 -3.33 11.14
C ALA B 119 1.08 -2.44 12.38
N CYS B 120 1.20 -3.06 13.55
CA CYS B 120 1.10 -2.39 14.83
C CYS B 120 2.23 -2.82 15.75
N TYR B 121 2.64 -1.89 16.61
CA TYR B 121 3.67 -2.13 17.61
C TYR B 121 3.16 -1.53 18.92
N ASN B 122 3.17 -2.32 19.99
CA ASN B 122 2.73 -1.85 21.30
C ASN B 122 1.29 -1.32 21.26
N GLY B 123 0.44 -1.94 20.44
CA GLY B 123 -0.93 -1.49 20.33
C GLY B 123 -1.16 -0.26 19.49
N ARG B 124 -0.13 0.26 18.82
CA ARG B 124 -0.26 1.48 18.04
C ARG B 124 -0.09 1.14 16.56
N PRO B 125 -1.08 1.41 15.70
CA PRO B 125 -0.88 1.21 14.25
C PRO B 125 0.24 2.08 13.70
N THR B 126 1.11 1.48 12.89
CA THR B 126 2.25 2.19 12.34
C THR B 126 2.28 2.23 10.81
N GLY B 127 1.65 1.27 10.14
CA GLY B 127 1.61 1.32 8.70
C GLY B 127 0.62 0.29 8.19
N THR B 128 0.37 0.37 6.89
CA THR B 128 -0.54 -0.56 6.24
C THR B 128 0.01 -0.92 4.86
N PHE B 129 -0.25 -2.14 4.44
CA PHE B 129 0.20 -2.60 3.13
C PHE B 129 -0.66 -3.78 2.75
N THR B 130 -0.55 -4.19 1.49
CA THR B 130 -1.35 -5.30 1.00
C THR B 130 -0.41 -6.40 0.53
N VAL B 131 -0.85 -7.63 0.71
CA VAL B 131 -0.05 -8.79 0.35
C VAL B 131 -0.97 -9.80 -0.31
N VAL B 132 -0.35 -10.78 -0.96
CA VAL B 132 -1.04 -11.92 -1.54
C VAL B 132 -0.67 -13.15 -0.72
N MET B 133 -1.65 -13.98 -0.40
CA MET B 133 -1.34 -15.26 0.25
C MET B 133 -0.63 -16.15 -0.77
N ARG B 134 0.63 -16.46 -0.51
CA ARG B 134 1.40 -17.27 -1.45
C ARG B 134 0.92 -18.72 -1.43
N PRO B 135 1.14 -19.44 -2.53
CA PRO B 135 0.74 -20.86 -2.57
C PRO B 135 1.40 -21.71 -1.51
N ASN B 136 2.51 -21.28 -0.91
CA ASN B 136 3.10 -21.99 0.21
C ASN B 136 2.65 -21.41 1.56
N TYR B 137 1.56 -20.66 1.58
CA TYR B 137 0.98 -20.13 2.81
C TYR B 137 1.95 -19.26 3.61
N THR B 138 2.81 -18.52 2.93
CA THR B 138 3.49 -17.37 3.51
C THR B 138 3.02 -16.09 2.81
N ILE B 139 3.32 -14.96 3.43
CA ILE B 139 3.12 -13.66 2.80
C ILE B 139 4.46 -12.96 2.84
N LYS B 140 4.70 -12.12 1.82
CA LYS B 140 5.91 -11.31 1.73
C LYS B 140 5.59 -9.96 2.37
N GLY B 141 5.72 -9.91 3.69
CA GLY B 141 5.33 -8.74 4.44
C GLY B 141 6.52 -7.97 4.98
N SER B 142 6.21 -7.01 5.84
CA SER B 142 7.23 -6.18 6.48
C SER B 142 6.86 -6.13 7.96
N PHE B 143 7.47 -7.02 8.73
CA PHE B 143 7.16 -7.20 10.15
C PHE B 143 8.46 -7.26 10.94
N LEU B 144 8.51 -6.55 12.06
CA LEU B 144 9.67 -6.58 12.95
C LEU B 144 9.26 -7.14 14.31
N CYS B 145 10.24 -7.23 15.21
CA CYS B 145 9.97 -7.63 16.57
C CYS B 145 8.88 -6.74 17.18
N GLY B 146 7.89 -7.37 17.83
CA GLY B 146 6.79 -6.64 18.41
C GLY B 146 5.58 -6.45 17.52
N SER B 147 5.62 -6.96 16.29
CA SER B 147 4.49 -6.79 15.39
C SER B 147 3.41 -7.85 15.53
N CYS B 148 3.66 -8.94 16.27
CA CYS B 148 2.68 -10.01 16.35
C CYS B 148 1.35 -9.52 16.88
N GLY B 149 0.27 -10.12 16.41
CA GLY B 149 -1.03 -9.58 16.68
C GLY B 149 -1.49 -8.56 15.66
N SER B 150 -0.57 -8.03 14.84
CA SER B 150 -0.96 -7.25 13.66
C SER B 150 -1.96 -8.05 12.83
N VAL B 151 -2.84 -7.35 12.15
CA VAL B 151 -4.08 -7.91 11.66
C VAL B 151 -4.17 -7.74 10.14
N GLY B 152 -4.68 -8.78 9.46
CA GLY B 152 -4.99 -8.74 8.05
C GLY B 152 -6.48 -8.93 7.80
N TYR B 153 -6.99 -8.29 6.74
CA TYR B 153 -8.42 -8.24 6.49
C TYR B 153 -8.70 -7.83 5.05
N THR B 154 -9.85 -8.26 4.55
CA THR B 154 -10.51 -7.66 3.39
C THR B 154 -11.78 -6.97 3.86
N LYS B 155 -12.39 -6.20 2.96
CA LYS B 155 -13.70 -5.63 3.22
C LYS B 155 -14.60 -5.91 2.03
N GLU B 156 -15.79 -6.46 2.31
CA GLU B 156 -16.83 -6.69 1.31
C GLU B 156 -17.63 -5.40 1.12
N GLY B 157 -18.64 -5.17 1.95
CA GLY B 157 -19.35 -3.91 1.83
C GLY B 157 -18.84 -2.90 2.83
N SER B 158 -19.63 -2.69 3.88
CA SER B 158 -19.14 -2.08 5.10
C SER B 158 -18.58 -3.10 6.07
N VAL B 159 -18.51 -4.37 5.64
CA VAL B 159 -18.14 -5.49 6.51
C VAL B 159 -16.65 -5.78 6.37
N ILE B 160 -15.95 -5.82 7.49
CA ILE B 160 -14.54 -6.24 7.54
C ILE B 160 -14.47 -7.74 7.74
N ASN B 161 -13.76 -8.43 6.87
CA ASN B 161 -13.51 -9.86 7.05
C ASN B 161 -12.07 -10.05 7.53
N PHE B 162 -11.90 -10.22 8.83
CA PHE B 162 -10.59 -10.51 9.39
C PHE B 162 -10.14 -11.90 8.97
N CYS B 163 -8.92 -11.98 8.42
CA CYS B 163 -8.43 -13.24 7.90
C CYS B 163 -7.04 -13.64 8.38
N TYR B 164 -6.35 -12.80 9.15
CA TYR B 164 -4.95 -13.07 9.45
C TYR B 164 -4.57 -12.36 10.75
N MET B 165 -3.84 -13.06 11.61
CA MET B 165 -3.17 -12.42 12.74
C MET B 165 -1.71 -12.85 12.76
N HIS B 166 -0.81 -11.88 12.68
CA HIS B 166 0.59 -12.19 12.40
C HIS B 166 1.29 -12.91 13.56
N GLN B 167 2.10 -13.93 13.23
CA GLN B 167 2.76 -14.71 14.27
C GLN B 167 4.28 -14.84 14.16
N MET B 168 4.85 -14.72 12.96
CA MET B 168 6.11 -15.39 12.75
C MET B 168 6.83 -14.92 11.47
N GLU B 169 8.15 -14.88 11.51
CA GLU B 169 8.99 -14.63 10.33
C GLU B 169 9.80 -15.89 10.04
N LEU B 170 9.75 -16.33 8.79
CA LEU B 170 10.43 -17.56 8.38
C LEU B 170 11.89 -17.29 8.05
N ALA B 171 12.62 -18.38 7.77
CA ALA B 171 14.07 -18.27 7.56
C ALA B 171 14.38 -17.40 6.37
N ASN B 172 13.60 -17.52 5.30
CA ASN B 172 13.70 -16.59 4.20
C ASN B 172 13.08 -15.25 4.66
N GLY B 173 12.88 -14.32 3.77
CA GLY B 173 12.34 -13.18 4.51
C GLY B 173 10.84 -13.14 4.74
N THR B 174 10.12 -14.26 4.60
CA THR B 174 8.68 -14.19 4.55
C THR B 174 8.05 -14.42 5.93
N HIS B 175 6.71 -14.31 5.96
CA HIS B 175 5.95 -14.23 7.20
C HIS B 175 4.73 -15.14 7.14
N THR B 176 4.27 -15.57 8.31
CA THR B 176 3.01 -16.32 8.37
C THR B 176 2.28 -16.03 9.68
N GLY B 177 1.00 -16.36 9.68
CA GLY B 177 0.17 -16.12 10.85
C GLY B 177 -1.00 -17.08 10.94
N SER B 178 -1.98 -16.75 11.77
CA SER B 178 -3.14 -17.58 12.01
C SER B 178 -4.39 -16.94 11.40
N ALA B 179 -5.31 -17.79 10.97
CA ALA B 179 -6.68 -17.34 10.81
C ALA B 179 -7.35 -17.25 12.18
N PHE B 180 -8.49 -16.56 12.23
CA PHE B 180 -9.12 -16.34 13.52
C PHE B 180 -9.89 -17.53 14.03
N ASP B 181 -9.87 -18.65 13.32
CA ASP B 181 -10.21 -19.90 13.98
C ASP B 181 -9.02 -20.49 14.73
N GLY B 182 -7.84 -19.85 14.61
CA GLY B 182 -6.68 -20.24 15.38
C GLY B 182 -5.72 -21.19 14.69
N THR B 183 -6.05 -21.66 13.50
CA THR B 183 -5.12 -22.51 12.77
C THR B 183 -4.09 -21.64 12.06
N MET B 184 -2.83 -22.04 12.14
CA MET B 184 -1.81 -21.36 11.35
C MET B 184 -2.03 -21.64 9.87
N TYR B 185 -1.82 -20.62 9.05
CA TYR B 185 -1.77 -20.84 7.61
C TYR B 185 -0.65 -21.82 7.28
N GLY B 186 -0.98 -22.83 6.49
CA GLY B 186 0.00 -23.77 5.97
C GLY B 186 0.63 -24.74 6.94
N ALA B 187 -0.01 -25.04 8.06
CA ALA B 187 0.56 -25.96 9.05
C ALA B 187 2.04 -25.68 9.38
N PHE B 188 2.43 -24.40 9.45
CA PHE B 188 3.54 -24.02 10.31
C PHE B 188 3.10 -24.16 11.77
N MET B 189 4.05 -24.13 12.69
CA MET B 189 3.70 -24.10 14.10
C MET B 189 4.36 -22.93 14.80
N ASP B 190 3.65 -22.37 15.79
CA ASP B 190 4.10 -21.17 16.48
C ASP B 190 5.08 -21.55 17.57
N LYS B 191 6.23 -22.04 17.14
CA LYS B 191 7.33 -22.33 18.05
C LYS B 191 8.62 -21.93 17.35
N GLN B 192 9.60 -21.52 18.14
CA GLN B 192 10.83 -20.94 17.61
C GLN B 192 11.85 -22.03 17.32
N VAL B 193 11.52 -22.81 16.29
CA VAL B 193 12.35 -23.91 15.80
C VAL B 193 12.47 -23.74 14.30
N HIS B 194 13.48 -24.36 13.72
CA HIS B 194 13.57 -24.30 12.27
C HIS B 194 12.58 -25.28 11.66
N GLN B 195 11.72 -24.77 10.78
CA GLN B 195 10.68 -25.54 10.14
C GLN B 195 10.86 -25.44 8.64
N VAL B 196 10.65 -26.55 7.94
CA VAL B 196 10.71 -26.50 6.48
C VAL B 196 9.51 -25.71 5.98
N GLN B 197 9.69 -24.96 4.90
CA GLN B 197 8.57 -24.31 4.23
C GLN B 197 8.40 -24.88 2.84
N LEU B 198 7.14 -25.02 2.43
CA LEU B 198 6.84 -25.50 1.10
C LEU B 198 7.47 -24.57 0.06
N THR B 199 7.62 -25.08 -1.15
CA THR B 199 8.11 -24.24 -2.22
C THR B 199 6.95 -23.42 -2.79
N ASP B 200 7.24 -22.16 -3.09
CA ASP B 200 6.27 -21.24 -3.63
C ASP B 200 5.95 -21.61 -5.09
N LYS B 201 4.87 -21.03 -5.61
CA LYS B 201 4.50 -21.19 -7.02
C LYS B 201 4.02 -19.86 -7.56
N TYR B 202 3.99 -19.76 -8.88
CA TYR B 202 3.28 -18.66 -9.52
C TYR B 202 1.79 -18.88 -9.40
N CYS B 203 1.05 -17.83 -9.03
CA CYS B 203 -0.41 -17.86 -9.01
C CYS B 203 -0.91 -17.59 -10.41
N SER B 204 -1.32 -18.67 -11.09
CA SER B 204 -1.68 -18.61 -12.50
C SER B 204 -2.80 -17.60 -12.76
N VAL B 205 -3.85 -17.62 -11.94
CA VAL B 205 -4.97 -16.70 -12.12
C VAL B 205 -4.51 -15.27 -12.05
N ASN B 206 -3.49 -14.99 -11.24
CA ASN B 206 -2.99 -13.63 -11.06
C ASN B 206 -2.11 -13.19 -12.23
N VAL B 207 -1.28 -14.11 -12.75
CA VAL B 207 -0.53 -13.81 -13.97
C VAL B 207 -1.50 -13.48 -15.10
N VAL B 208 -2.59 -14.23 -15.21
CA VAL B 208 -3.57 -13.99 -16.27
C VAL B 208 -4.17 -12.61 -16.13
N ALA B 209 -4.63 -12.26 -14.92
CA ALA B 209 -5.14 -10.92 -14.67
C ALA B 209 -4.14 -9.86 -15.07
N TRP B 210 -2.86 -10.08 -14.78
CA TRP B 210 -1.82 -9.08 -15.05
C TRP B 210 -1.62 -8.89 -16.55
N LEU B 211 -1.68 -9.99 -17.31
CA LEU B 211 -1.57 -9.89 -18.74
C LEU B 211 -2.78 -9.20 -19.35
N TYR B 212 -3.97 -9.40 -18.76
CA TYR B 212 -5.13 -8.61 -19.18
C TYR B 212 -4.91 -7.13 -18.91
N ALA B 213 -4.30 -6.80 -17.76
CA ALA B 213 -3.99 -5.40 -17.47
C ALA B 213 -3.04 -4.82 -18.50
N ALA B 214 -2.04 -5.61 -18.94
CA ALA B 214 -1.17 -5.13 -20.00
C ALA B 214 -1.96 -4.81 -21.26
N ILE B 215 -2.86 -5.72 -21.64
CA ILE B 215 -3.71 -5.54 -22.83
C ILE B 215 -4.58 -4.30 -22.68
N LEU B 216 -5.18 -4.11 -21.51
CA LEU B 216 -5.98 -2.91 -21.29
C LEU B 216 -5.14 -1.65 -21.43
N ASN B 217 -3.84 -1.76 -21.16
CA ASN B 217 -2.92 -0.64 -21.32
C ASN B 217 -2.29 -0.58 -22.72
N GLY B 218 -2.76 -1.39 -23.66
CA GLY B 218 -2.25 -1.35 -25.03
C GLY B 218 -1.02 -2.20 -25.28
N CYS B 219 -0.58 -3.01 -24.32
CA CYS B 219 0.65 -3.79 -24.42
C CYS B 219 0.24 -5.23 -24.68
N ALA B 220 0.23 -5.63 -25.96
CA ALA B 220 -0.34 -6.90 -26.37
C ALA B 220 0.59 -7.70 -27.30
N TRP B 221 1.90 -7.46 -27.24
CA TRP B 221 2.80 -8.14 -28.17
C TRP B 221 2.79 -9.64 -27.95
N PHE B 222 2.62 -10.09 -26.71
CA PHE B 222 2.62 -11.51 -26.36
C PHE B 222 1.37 -12.24 -26.82
N VAL B 223 0.34 -11.53 -27.24
CA VAL B 223 -0.90 -12.18 -27.65
C VAL B 223 -0.73 -12.72 -29.06
N LYS B 224 -1.08 -13.98 -29.24
CA LYS B 224 -1.08 -14.67 -30.53
C LYS B 224 -2.40 -15.41 -30.63
N PRO B 225 -2.78 -15.87 -31.84
CA PRO B 225 -4.06 -16.58 -31.96
C PRO B 225 -4.03 -17.93 -31.29
N ASN B 226 -2.85 -18.52 -31.10
CA ASN B 226 -2.74 -19.85 -30.50
C ASN B 226 -3.35 -19.87 -29.11
N ARG B 227 -3.85 -21.05 -28.74
CA ARG B 227 -4.57 -21.25 -27.50
C ARG B 227 -4.09 -22.53 -26.82
N THR B 228 -4.34 -22.56 -25.51
CA THR B 228 -4.09 -23.73 -24.69
C THR B 228 -5.29 -23.89 -23.78
N SER B 229 -5.92 -25.07 -23.81
CA SER B 229 -7.08 -25.33 -22.98
C SER B 229 -6.71 -25.27 -21.50
N VAL B 230 -7.71 -25.03 -20.65
CA VAL B 230 -7.45 -25.00 -19.22
C VAL B 230 -6.92 -26.35 -18.74
N VAL B 231 -7.48 -27.44 -19.24
CA VAL B 231 -7.05 -28.77 -18.82
C VAL B 231 -5.57 -28.98 -19.13
N SER B 232 -5.16 -28.67 -20.36
CA SER B 232 -3.76 -28.91 -20.74
C SER B 232 -2.82 -27.94 -20.03
N PHE B 233 -3.24 -26.68 -19.85
CA PHE B 233 -2.43 -25.75 -19.06
C PHE B 233 -2.21 -26.27 -17.65
N ASN B 234 -3.25 -26.81 -17.03
CA ASN B 234 -3.13 -27.24 -15.64
C ASN B 234 -2.24 -28.46 -15.51
N GLU B 235 -2.28 -29.36 -16.49
CA GLU B 235 -1.28 -30.42 -16.52
C GLU B 235 0.11 -29.81 -16.68
N TRP B 236 0.24 -28.79 -17.54
CA TRP B 236 1.53 -28.13 -17.73
C TRP B 236 2.00 -27.43 -16.46
N ALA B 237 1.07 -26.86 -15.70
CA ALA B 237 1.46 -26.08 -14.52
C ALA B 237 2.10 -26.95 -13.45
N LEU B 238 1.58 -28.17 -13.26
CA LEU B 238 2.11 -29.08 -12.25
C LEU B 238 3.55 -29.47 -12.54
N ALA B 239 3.94 -29.49 -13.81
CA ALA B 239 5.34 -29.78 -14.14
C ALA B 239 6.22 -28.54 -14.14
N ASN B 240 5.65 -27.34 -13.99
CA ASN B 240 6.43 -26.11 -14.14
C ASN B 240 6.25 -25.11 -12.98
N GLN B 241 5.85 -25.57 -11.80
CA GLN B 241 5.78 -24.73 -10.59
C GLN B 241 4.81 -23.56 -10.78
N PHE B 242 3.66 -23.84 -11.37
CA PHE B 242 2.53 -22.91 -11.38
C PHE B 242 1.36 -23.57 -10.67
N THR B 243 0.54 -22.76 -10.01
CA THR B 243 -0.74 -23.27 -9.55
C THR B 243 -1.65 -23.56 -10.74
N GLU B 244 -2.63 -24.42 -10.50
CA GLU B 244 -3.59 -24.68 -11.55
C GLU B 244 -4.51 -23.46 -11.71
N PHE B 245 -4.92 -23.19 -12.94
CA PHE B 245 -5.79 -22.06 -13.24
C PHE B 245 -7.22 -22.47 -13.00
N VAL B 246 -7.96 -21.64 -12.26
CA VAL B 246 -9.38 -21.86 -12.04
C VAL B 246 -10.12 -20.57 -12.38
N GLY B 247 -10.94 -20.61 -13.43
CA GLY B 247 -11.59 -19.41 -13.90
C GLY B 247 -12.56 -18.84 -12.88
N THR B 248 -12.76 -17.53 -12.93
CA THR B 248 -13.77 -16.86 -12.13
C THR B 248 -14.49 -15.87 -13.00
N GLN B 249 -15.64 -15.39 -12.51
CA GLN B 249 -16.37 -14.36 -13.24
C GLN B 249 -15.52 -13.13 -13.44
N SER B 250 -14.63 -12.83 -12.49
CA SER B 250 -13.76 -11.66 -12.61
C SER B 250 -12.87 -11.77 -13.84
N VAL B 251 -12.26 -12.94 -14.02
CA VAL B 251 -11.47 -13.18 -15.23
C VAL B 251 -12.33 -13.08 -16.47
N ASP B 252 -13.56 -13.61 -16.42
CA ASP B 252 -14.41 -13.56 -17.61
C ASP B 252 -14.66 -12.13 -18.04
N MET B 253 -14.85 -11.25 -17.07
CA MET B 253 -15.05 -9.83 -17.35
C MET B 253 -13.88 -9.24 -18.12
N LEU B 254 -12.65 -9.58 -17.71
CA LEU B 254 -11.47 -9.10 -18.44
C LEU B 254 -11.42 -9.68 -19.86
N ALA B 255 -11.84 -10.93 -20.04
CA ALA B 255 -11.83 -11.51 -21.38
C ALA B 255 -12.84 -10.80 -22.28
N VAL B 256 -14.02 -10.51 -21.76
CA VAL B 256 -15.05 -9.90 -22.59
C VAL B 256 -14.68 -8.47 -22.92
N LYS B 257 -14.11 -7.74 -21.97
CA LYS B 257 -13.75 -6.34 -22.24
C LYS B 257 -12.62 -6.24 -23.24
N THR B 258 -11.74 -7.24 -23.31
CA THR B 258 -10.57 -7.12 -24.17
C THR B 258 -10.69 -7.91 -25.46
N GLY B 259 -11.66 -8.80 -25.59
CA GLY B 259 -11.71 -9.65 -26.76
C GLY B 259 -10.64 -10.72 -26.83
N VAL B 260 -9.84 -10.90 -25.79
CA VAL B 260 -8.79 -11.92 -25.75
C VAL B 260 -9.24 -13.05 -24.84
N ALA B 261 -9.24 -14.27 -25.37
CA ALA B 261 -9.74 -15.39 -24.60
C ALA B 261 -8.71 -15.84 -23.56
N ILE B 262 -9.24 -16.44 -22.46
CA ILE B 262 -8.35 -16.95 -21.42
C ILE B 262 -7.32 -17.89 -22.01
N GLU B 263 -7.75 -18.79 -22.89
CA GLU B 263 -6.82 -19.78 -23.45
C GLU B 263 -5.68 -19.13 -24.22
N GLN B 264 -5.90 -17.95 -24.81
CA GLN B 264 -4.79 -17.27 -25.49
C GLN B 264 -3.74 -16.84 -24.49
N LEU B 265 -4.17 -16.35 -23.33
CA LEU B 265 -3.21 -15.96 -22.32
C LEU B 265 -2.53 -17.15 -21.67
N LEU B 266 -3.24 -18.27 -21.54
CA LEU B 266 -2.62 -19.51 -21.05
C LEU B 266 -1.52 -19.98 -21.98
N TYR B 267 -1.78 -19.98 -23.29
CA TYR B 267 -0.70 -20.23 -24.25
C TYR B 267 0.40 -19.19 -24.10
N ALA B 268 0.04 -17.91 -23.90
CA ALA B 268 1.06 -16.88 -23.74
C ALA B 268 1.93 -17.15 -22.53
N ILE B 269 1.36 -17.59 -21.42
CA ILE B 269 2.16 -17.84 -20.22
C ILE B 269 3.17 -18.95 -20.47
N GLN B 270 2.78 -19.97 -21.22
CA GLN B 270 3.70 -21.07 -21.47
C GLN B 270 4.90 -20.60 -22.26
N GLN B 271 4.69 -19.67 -23.20
CA GLN B 271 5.80 -19.10 -23.96
C GLN B 271 6.61 -18.13 -23.11
N LEU B 272 5.92 -17.23 -22.39
CA LEU B 272 6.62 -16.21 -21.62
C LEU B 272 7.46 -16.82 -20.50
N TYR B 273 7.04 -17.96 -19.95
CA TYR B 273 7.83 -18.65 -18.94
C TYR B 273 9.22 -19.02 -19.44
N THR B 274 9.35 -19.32 -20.74
CA THR B 274 10.64 -19.66 -21.34
C THR B 274 11.55 -18.44 -21.43
N GLY B 275 10.99 -17.23 -21.51
CA GLY B 275 11.79 -16.03 -21.59
C GLY B 275 11.07 -14.90 -22.30
N PHE B 276 11.32 -13.67 -21.86
CA PHE B 276 10.59 -12.53 -22.41
C PHE B 276 11.16 -12.05 -23.73
N GLN B 277 12.18 -12.71 -24.27
CA GLN B 277 12.71 -12.41 -25.61
C GLN B 277 13.14 -10.94 -25.68
N GLY B 278 13.81 -10.48 -24.64
CA GLY B 278 14.19 -9.07 -24.55
C GLY B 278 13.11 -8.09 -24.13
N LYS B 279 11.92 -8.19 -24.72
CA LYS B 279 10.83 -7.24 -24.50
C LYS B 279 10.31 -7.32 -23.06
N GLN B 280 9.58 -6.29 -22.66
CA GLN B 280 8.97 -6.32 -21.33
C GLN B 280 7.47 -6.13 -21.41
N ILE B 281 6.82 -6.39 -20.29
CA ILE B 281 5.37 -6.28 -20.12
C ILE B 281 5.12 -5.40 -18.92
N LEU B 282 4.42 -4.28 -19.12
CA LEU B 282 4.15 -3.32 -18.05
C LEU B 282 5.42 -3.00 -17.26
N GLY B 283 6.51 -2.83 -17.98
CA GLY B 283 7.76 -2.45 -17.35
C GLY B 283 8.48 -3.56 -16.63
N SER B 284 8.06 -4.81 -16.82
CA SER B 284 8.64 -5.94 -16.13
C SER B 284 9.15 -6.96 -17.14
N THR B 285 10.25 -7.63 -16.82
CA THR B 285 10.79 -8.68 -17.67
C THR B 285 10.50 -10.08 -17.13
N MET B 286 9.75 -10.18 -16.03
CA MET B 286 9.33 -11.44 -15.47
C MET B 286 7.82 -11.42 -15.31
N LEU B 287 7.24 -12.61 -15.20
CA LEU B 287 5.81 -12.69 -14.92
C LEU B 287 5.54 -12.18 -13.52
N GLU B 288 4.40 -11.50 -13.35
CA GLU B 288 4.02 -10.91 -12.08
C GLU B 288 2.69 -11.53 -11.65
N ASP B 289 2.61 -11.97 -10.39
CA ASP B 289 1.41 -12.64 -9.88
C ASP B 289 0.89 -12.00 -8.61
N GLU B 290 1.23 -10.73 -8.37
CA GLU B 290 0.81 -10.04 -7.16
C GLU B 290 -0.47 -9.22 -7.34
N PHE B 291 -1.08 -9.20 -8.53
CA PHE B 291 -2.36 -8.51 -8.76
C PHE B 291 -3.43 -9.52 -9.14
N THR B 292 -4.60 -9.40 -8.53
CA THR B 292 -5.72 -10.32 -8.71
C THR B 292 -6.62 -9.83 -9.82
N PRO B 293 -7.49 -10.70 -10.32
CA PRO B 293 -8.49 -10.22 -11.31
C PRO B 293 -9.39 -9.14 -10.74
N GLU B 294 -9.74 -9.25 -9.47
CA GLU B 294 -10.51 -8.20 -8.81
C GLU B 294 -9.74 -6.89 -8.77
N ASP B 295 -8.43 -6.94 -8.52
CA ASP B 295 -7.64 -5.69 -8.50
C ASP B 295 -7.64 -5.02 -9.88
N VAL B 296 -7.40 -5.79 -10.93
CA VAL B 296 -7.41 -5.26 -12.29
C VAL B 296 -8.77 -4.67 -12.63
N ASN B 297 -9.85 -5.39 -12.30
CA ASN B 297 -11.19 -4.89 -12.54
C ASN B 297 -11.43 -3.57 -11.81
N MET B 298 -11.11 -3.53 -10.51
CA MET B 298 -11.37 -2.33 -9.72
C MET B 298 -10.51 -1.17 -10.23
N GLN B 299 -9.21 -1.40 -10.36
CA GLN B 299 -8.30 -0.29 -10.56
C GLN B 299 -8.30 0.20 -12.00
N ILE B 300 -8.35 -0.70 -12.97
CA ILE B 300 -8.32 -0.24 -14.35
C ILE B 300 -9.73 0.14 -14.81
N MET B 301 -10.73 -0.67 -14.49
CA MET B 301 -12.05 -0.47 -15.08
C MET B 301 -13.12 0.01 -14.11
N GLY B 302 -12.76 0.28 -12.86
CA GLY B 302 -13.77 0.73 -11.92
C GLY B 302 -14.91 -0.24 -11.68
N VAL B 303 -14.73 -1.53 -11.94
CA VAL B 303 -15.73 -2.54 -11.57
C VAL B 303 -15.35 -3.23 -10.26
C7 UED C . -7.51 13.00 -18.42
O8 UED C . -8.20 14.26 -18.20
C9 UED C . -8.17 14.66 -16.89
O10 UED C . -7.53 14.04 -16.04
C1 UED C . -8.39 11.91 -18.33
C2 UED C . -9.74 12.09 -18.04
C3 UED C . -10.60 11.00 -17.95
C4 UED C . -10.10 9.72 -18.13
C5 UED C . -8.75 9.52 -18.42
C6 UED C . -7.90 10.62 -18.50
N11 UED C . -8.87 15.76 -16.55
C12 UED C . -8.99 16.21 -15.17
C17 UED C . -9.78 15.13 -14.44
O18 UED C . -10.71 14.56 -15.00
C13 UED C . -9.70 17.56 -15.05
C14 UED C . -8.84 18.64 -15.69
C15 UED C . -7.60 18.88 -14.83
C16 UED C . -9.64 19.95 -15.79
N19 UED C . -9.40 14.82 -13.24
C20 UED C . -10.17 13.79 -12.54
C21 UED C . -10.90 14.49 -11.35
O22 UED C . -11.94 13.65 -10.85
C24 UED C . -9.26 12.59 -12.17
C25 UED C . -8.84 11.83 -13.47
C26 UED C . -10.07 11.18 -14.05
C27 UED C . -9.46 9.98 -14.79
N28 UED C . -8.33 9.61 -13.89
C29 UED C . -8.02 10.71 -13.18
O30 UED C . -7.10 10.71 -12.37
C7 UED D . 11.77 -16.11 13.70
O8 UED D . 11.09 -16.61 14.86
C9 UED D . 9.93 -15.94 15.10
O10 UED D . 9.51 -15.14 14.28
C1 UED D . 12.47 -14.90 13.91
C2 UED D . 13.14 -14.34 12.82
C3 UED D . 13.84 -13.15 12.95
C4 UED D . 13.89 -12.48 14.17
C5 UED D . 13.21 -13.03 15.27
C6 UED D . 12.50 -14.23 15.15
N11 UED D . 9.24 -16.19 16.22
C12 UED D . 8.08 -15.40 16.62
C17 UED D . 8.77 -14.09 17.06
O18 UED D . 9.87 -14.24 17.60
C13 UED D . 7.33 -16.10 17.77
C14 UED D . 7.54 -17.62 17.71
C15 UED D . 6.59 -18.25 16.68
C16 UED D . 7.23 -18.26 19.07
N19 UED D . 8.40 -12.84 16.88
C20 UED D . 7.28 -12.04 16.33
C21 UED D . 6.04 -12.30 17.12
O22 UED D . 5.70 -11.09 17.77
C24 UED D . 7.17 -11.95 14.77
C25 UED D . 8.58 -11.78 14.13
C26 UED D . 9.48 -10.88 14.95
C27 UED D . 10.57 -10.70 13.90
N28 UED D . 9.75 -10.49 12.67
C29 UED D . 8.58 -11.13 12.87
O30 UED D . 7.68 -11.19 12.02
#